data_9H37
#
_entry.id   9H37
#
_cell.length_a   39.46
_cell.length_b   178.853
_cell.length_c   139.696
_cell.angle_alpha   90
_cell.angle_beta   90
_cell.angle_gamma   90
#
_symmetry.space_group_name_H-M   'C 2 2 21'
#
loop_
_entity.id
_entity.type
_entity.pdbx_description
1 polymer 'Adenosine receptor A2a,Soluble cytochrome b562'
2 non-polymer 'SODIUM ION'
3 non-polymer CHOLESTEROL
4 non-polymer 'OLEIC ACID'
5 non-polymer 2-(furan-2-yl)-7-pyridin-4-yl-pyrrolo[2,3-d]pyrimidin-4-amine
6 water water
#
_entity_poly.entity_id   1
_entity_poly.type   'polypeptide(L)'
_entity_poly.pdbx_seq_one_letter_code
;DYKDDDDGAPPIMGSSVYITVELAIAVLAILGNVLVCWAVWLNSNLQNVTNYFVVSLAAADILVGVLAIPFAITISTGFC
AACHGCLFIACFVLVLAQSSIFSLLAIAIDRYIAIAIPLRYNGLVTGTRAAGIIAICWVLSFAIGLTPMLGWNNCGQPKE
GKAHSQGCGEGQVACLFEDVVPMNYMVYFNFFACVLVPLLLMLGVYLRIFAAARRQLADLEDNWETLNDNLKVIEKADNA
AQVKDALTKMRAAALDAQKATPPKLEDKSPDSPEMKDFRHGFDILVGQIDDALKLANEGKVKEAQAAAEQLKTTRNAYIQ
KYLERARSTLQKEVHAAKSAAIIAGLFALCWLPLHIINCFTFFCPDCSHAPLWLMYLAIVLAHTNSVVNPFIYAYRIREF
RQTFRKIIRSHVLRQQEPFKAAAHHHHHHHHHH
;
_entity_poly.pdbx_strand_id   A
#
loop_
_chem_comp.id
_chem_comp.type
_chem_comp.name
_chem_comp.formula
A1IR0 non-polymer 2-(furan-2-yl)-7-pyridin-4-yl-pyrrolo[2,3-d]pyrimidin-4-amine 'C15 H11 N5 O'
CLR non-polymer CHOLESTEROL 'C27 H46 O'
NA non-polymer 'SODIUM ION' 'Na 1'
OLA non-polymer 'OLEIC ACID' 'C18 H34 O2'
#
# COMPACT_ATOMS: atom_id res chain seq x y z
N ALA A 9 2.01 -16.27 40.53
CA ALA A 9 0.99 -15.23 40.60
C ALA A 9 -0.30 -15.72 39.96
N PRO A 10 -1.48 -15.36 40.51
CA PRO A 10 -2.74 -15.83 39.90
C PRO A 10 -2.82 -15.48 38.41
N PRO A 11 -3.04 -16.48 37.55
CA PRO A 11 -3.03 -16.19 36.09
C PRO A 11 -4.07 -15.17 35.66
N ILE A 12 -5.16 -15.06 36.42
CA ILE A 12 -6.20 -14.09 36.11
C ILE A 12 -5.65 -12.65 36.15
N MET A 13 -4.58 -12.37 36.92
CA MET A 13 -4.06 -11.00 36.99
C MET A 13 -3.45 -10.53 35.67
N GLY A 14 -2.46 -11.27 35.16
CA GLY A 14 -1.81 -10.98 33.89
C GLY A 14 -2.80 -11.09 32.73
N SER A 15 -3.71 -12.09 32.81
N SER A 15 -3.72 -12.08 32.82
CA SER A 15 -4.70 -12.23 31.76
CA SER A 15 -4.75 -12.26 31.80
C SER A 15 -5.67 -11.04 31.75
C SER A 15 -5.65 -11.04 31.76
N SER A 16 -6.01 -10.48 32.92
CA SER A 16 -6.89 -9.32 32.98
CA SER A 16 -6.89 -9.31 32.97
C SER A 16 -6.25 -8.12 32.27
N VAL A 17 -4.92 -7.95 32.39
CA VAL A 17 -4.24 -6.83 31.74
C VAL A 17 -4.29 -7.05 30.22
N TYR A 18 -3.90 -8.26 29.80
CA TYR A 18 -3.91 -8.61 28.38
C TYR A 18 -5.30 -8.41 27.77
N ILE A 19 -6.33 -8.93 28.41
CA ILE A 19 -7.70 -8.84 27.93
C ILE A 19 -8.19 -7.40 27.83
N THR A 20 -7.89 -6.59 28.85
CA THR A 20 -8.29 -5.19 28.82
C THR A 20 -7.64 -4.44 27.67
N VAL A 21 -6.33 -4.66 27.43
CA VAL A 21 -5.62 -4.02 26.33
C VAL A 21 -6.21 -4.48 25.00
N GLU A 22 -6.49 -5.79 24.87
CA GLU A 22 -7.09 -6.30 23.64
C GLU A 22 -8.44 -5.65 23.39
N LEU A 23 -9.27 -5.50 24.43
CA LEU A 23 -10.59 -4.87 24.26
C LEU A 23 -10.46 -3.41 23.86
N ALA A 24 -9.51 -2.68 24.47
CA ALA A 24 -9.23 -1.28 24.08
C ALA A 24 -8.82 -1.18 22.58
N ILE A 25 -7.95 -2.08 22.14
CA ILE A 25 -7.53 -2.10 20.72
C ILE A 25 -8.73 -2.43 19.83
N ALA A 26 -9.58 -3.41 20.23
CA ALA A 26 -10.77 -3.78 19.43
C ALA A 26 -11.69 -2.56 19.22
N VAL A 27 -11.95 -1.80 20.28
CA VAL A 27 -12.78 -0.60 20.19
C VAL A 27 -12.20 0.39 19.18
N LEU A 28 -10.92 0.69 19.30
CA LEU A 28 -10.30 1.69 18.41
C LEU A 28 -10.21 1.21 16.98
N ALA A 29 -9.96 -0.10 16.79
CA ALA A 29 -9.85 -0.66 15.44
C ALA A 29 -11.20 -0.53 14.74
N ILE A 30 -12.28 -0.82 15.45
CA ILE A 30 -13.62 -0.72 14.90
C ILE A 30 -13.97 0.74 14.60
N LEU A 31 -13.83 1.63 15.58
CA LEU A 31 -14.15 3.03 15.37
C LEU A 31 -13.41 3.69 14.21
N GLY A 32 -12.08 3.55 14.15
CA GLY A 32 -11.31 4.21 13.11
C GLY A 32 -11.62 3.67 11.73
N ASN A 33 -11.76 2.35 11.63
CA ASN A 33 -11.96 1.73 10.32
C ASN A 33 -13.38 1.88 9.80
N VAL A 34 -14.38 1.94 10.71
CA VAL A 34 -15.75 2.27 10.30
C VAL A 34 -15.76 3.71 9.75
N LEU A 35 -14.99 4.63 10.38
CA LEU A 35 -14.87 6.01 9.90
C LEU A 35 -14.28 6.03 8.50
N VAL A 36 -13.24 5.22 8.22
CA VAL A 36 -12.68 5.13 6.88
C VAL A 36 -13.78 4.68 5.85
N CYS A 37 -14.50 3.62 6.16
CA CYS A 37 -15.53 3.10 5.27
C CYS A 37 -16.63 4.13 5.02
N TRP A 38 -17.04 4.81 6.10
CA TRP A 38 -18.05 5.88 6.09
CA TRP A 38 -18.06 5.85 6.01
C TRP A 38 -17.58 7.00 5.13
N ALA A 39 -16.32 7.44 5.27
CA ALA A 39 -15.78 8.50 4.42
C ALA A 39 -15.84 8.11 2.94
N VAL A 40 -15.41 6.88 2.60
CA VAL A 40 -15.45 6.46 1.22
C VAL A 40 -16.89 6.35 0.69
N TRP A 41 -17.82 5.85 1.50
CA TRP A 41 -19.21 5.74 1.09
C TRP A 41 -19.83 7.12 0.80
N LEU A 42 -19.60 8.09 1.67
CA LEU A 42 -20.18 9.42 1.55
C LEU A 42 -19.52 10.39 0.56
N ASN A 43 -18.21 10.32 0.37
CA ASN A 43 -17.52 11.28 -0.49
C ASN A 43 -17.12 10.66 -1.85
N SER A 44 -17.69 11.21 -2.95
CA SER A 44 -17.35 10.71 -4.29
C SER A 44 -15.92 11.05 -4.70
N ASN A 45 -15.29 12.09 -4.09
CA ASN A 45 -13.87 12.38 -4.37
C ASN A 45 -12.94 11.26 -3.82
N LEU A 46 -13.44 10.43 -2.89
CA LEU A 46 -12.71 9.30 -2.32
C LEU A 46 -13.11 7.97 -3.02
N GLN A 47 -14.04 7.99 -3.99
CA GLN A 47 -14.49 6.78 -4.65
C GLN A 47 -13.69 6.52 -5.88
N ASN A 48 -12.60 5.82 -5.69
CA ASN A 48 -11.71 5.43 -6.77
C ASN A 48 -11.19 4.03 -6.45
N VAL A 49 -10.58 3.36 -7.45
CA VAL A 49 -10.08 2.00 -7.29
C VAL A 49 -9.15 1.82 -6.12
N THR A 50 -8.18 2.72 -5.97
CA THR A 50 -7.21 2.68 -4.86
C THR A 50 -7.93 2.59 -3.52
N ASN A 51 -9.01 3.39 -3.36
CA ASN A 51 -9.75 3.42 -2.13
C ASN A 51 -10.72 2.25 -1.94
N TYR A 52 -11.03 1.48 -2.98
CA TYR A 52 -11.80 0.24 -2.78
C TYR A 52 -10.89 -0.80 -2.08
N PHE A 53 -9.59 -0.83 -2.41
CA PHE A 53 -8.63 -1.69 -1.70
C PHE A 53 -8.43 -1.16 -0.26
N VAL A 54 -8.43 0.17 -0.07
CA VAL A 54 -8.35 0.76 1.27
C VAL A 54 -9.54 0.28 2.12
N VAL A 55 -10.75 0.27 1.51
CA VAL A 55 -11.94 -0.20 2.22
C VAL A 55 -11.82 -1.69 2.52
N SER A 56 -11.29 -2.48 1.59
CA SER A 56 -11.09 -3.94 1.86
C SER A 56 -10.12 -4.10 3.08
N LEU A 57 -9.11 -3.27 3.13
CA LEU A 57 -8.14 -3.26 4.23
C LEU A 57 -8.82 -2.84 5.54
N ALA A 58 -9.66 -1.81 5.51
CA ALA A 58 -10.41 -1.35 6.68
C ALA A 58 -11.38 -2.46 7.14
N ALA A 59 -11.99 -3.21 6.21
CA ALA A 59 -12.93 -4.29 6.56
C ALA A 59 -12.21 -5.40 7.32
N ALA A 60 -10.98 -5.76 6.88
CA ALA A 60 -10.16 -6.76 7.57
C ALA A 60 -9.82 -6.24 8.99
N ASP A 61 -9.55 -4.94 9.12
CA ASP A 61 -9.23 -4.35 10.44
C ASP A 61 -10.46 -4.27 11.38
N ILE A 62 -11.65 -4.01 10.82
CA ILE A 62 -12.90 -4.05 11.60
C ILE A 62 -13.10 -5.48 12.10
N LEU A 63 -12.86 -6.50 11.25
CA LEU A 63 -12.98 -7.91 11.66
C LEU A 63 -11.93 -8.32 12.68
N VAL A 64 -10.76 -7.66 12.73
CA VAL A 64 -9.78 -7.93 13.82
C VAL A 64 -10.43 -7.52 15.16
N GLY A 65 -11.17 -6.41 15.17
CA GLY A 65 -11.84 -5.96 16.39
C GLY A 65 -13.05 -6.80 16.76
N VAL A 66 -13.89 -7.11 15.76
CA VAL A 66 -15.14 -7.85 16.01
C VAL A 66 -14.92 -9.34 16.28
N LEU A 67 -13.98 -9.96 15.54
CA LEU A 67 -13.75 -11.39 15.65
C LEU A 67 -12.38 -11.83 16.11
N ALA A 68 -11.26 -11.35 15.51
CA ALA A 68 -9.95 -11.90 15.91
C ALA A 68 -9.61 -11.61 17.35
N ILE A 69 -9.97 -10.43 17.84
CA ILE A 69 -9.66 -10.08 19.25
C ILE A 69 -10.54 -10.92 20.21
N PRO A 70 -11.88 -11.00 20.09
CA PRO A 70 -12.64 -11.94 20.93
C PRO A 70 -12.10 -13.38 20.83
N PHE A 71 -11.66 -13.84 19.63
CA PHE A 71 -11.06 -15.16 19.50
C PHE A 71 -9.74 -15.26 20.28
N ALA A 72 -8.89 -14.22 20.20
CA ALA A 72 -7.61 -14.21 20.93
C ALA A 72 -7.82 -14.24 22.45
N ILE A 73 -8.81 -13.49 22.95
CA ILE A 73 -9.14 -13.50 24.38
C ILE A 73 -9.58 -14.92 24.79
N THR A 74 -10.42 -15.55 23.93
CA THR A 74 -10.89 -16.90 24.21
C THR A 74 -9.71 -17.90 24.24
N ILE A 75 -8.81 -17.78 23.28
CA ILE A 75 -7.65 -18.66 23.16
C ILE A 75 -6.72 -18.52 24.33
N SER A 76 -6.53 -17.30 24.84
CA SER A 76 -5.66 -17.08 25.99
C SER A 76 -6.07 -17.91 27.22
N THR A 77 -7.31 -18.40 27.28
CA THR A 77 -7.78 -19.21 28.40
C THR A 77 -7.36 -20.68 28.29
N GLY A 78 -7.02 -21.12 27.07
CA GLY A 78 -6.70 -22.52 26.86
C GLY A 78 -7.91 -23.42 27.12
N PHE A 79 -9.14 -22.87 26.96
CA PHE A 79 -10.40 -23.60 27.15
C PHE A 79 -10.44 -24.92 26.37
N CYS A 80 -11.20 -25.90 26.86
CA CYS A 80 -11.36 -27.19 26.19
C CYS A 80 -12.17 -27.00 24.92
N ALA A 81 -11.72 -27.57 23.82
CA ALA A 81 -12.43 -27.44 22.57
C ALA A 81 -12.19 -28.61 21.68
N ALA A 82 -13.13 -28.89 20.77
CA ALA A 82 -12.93 -29.83 19.67
C ALA A 82 -11.74 -29.29 18.85
N CYS A 83 -10.72 -30.11 18.54
CA CYS A 83 -9.49 -29.58 17.93
C CYS A 83 -9.74 -28.77 16.65
N HIS A 84 -10.66 -29.20 15.79
CA HIS A 84 -10.92 -28.48 14.54
C HIS A 84 -11.66 -27.16 14.75
N GLY A 85 -12.47 -27.09 15.80
CA GLY A 85 -13.10 -25.83 16.17
C GLY A 85 -12.05 -24.89 16.74
N CYS A 86 -11.13 -25.42 17.54
CA CYS A 86 -10.01 -24.67 18.06
C CYS A 86 -9.17 -24.07 16.89
N LEU A 87 -8.90 -24.88 15.85
CA LEU A 87 -8.12 -24.39 14.70
C LEU A 87 -8.79 -23.23 14.05
N PHE A 88 -10.13 -23.21 13.97
CA PHE A 88 -10.81 -22.10 13.31
C PHE A 88 -10.57 -20.80 14.09
N ILE A 89 -10.78 -20.83 15.40
CA ILE A 89 -10.57 -19.61 16.20
C ILE A 89 -9.09 -19.22 16.24
N ALA A 90 -8.17 -20.18 16.12
CA ALA A 90 -6.74 -19.88 16.12
C ALA A 90 -6.32 -19.24 14.79
N CYS A 91 -6.88 -19.73 13.68
CA CYS A 91 -6.46 -19.36 12.32
C CYS A 91 -7.20 -18.22 11.70
N PHE A 92 -8.38 -17.83 12.23
CA PHE A 92 -9.14 -16.77 11.58
C PHE A 92 -8.31 -15.48 11.42
N VAL A 93 -7.43 -15.15 12.39
CA VAL A 93 -6.62 -13.92 12.27
C VAL A 93 -5.66 -14.01 11.07
N LEU A 94 -5.18 -15.24 10.72
CA LEU A 94 -4.31 -15.45 9.56
C LEU A 94 -5.04 -15.07 8.28
N VAL A 95 -6.35 -15.31 8.21
CA VAL A 95 -7.16 -14.95 7.02
C VAL A 95 -7.17 -13.42 6.89
N LEU A 96 -7.34 -12.72 8.02
CA LEU A 96 -7.41 -11.26 8.01
C LEU A 96 -6.08 -10.66 7.66
N ALA A 97 -4.98 -11.23 8.19
CA ALA A 97 -3.63 -10.72 7.89
C ALA A 97 -3.34 -10.97 6.40
N GLN A 98 -3.76 -12.14 5.87
CA GLN A 98 -3.53 -12.45 4.46
C GLN A 98 -4.32 -11.53 3.57
N SER A 99 -5.56 -11.22 3.95
CA SER A 99 -6.38 -10.30 3.17
C SER A 99 -5.73 -8.92 3.15
N SER A 100 -5.16 -8.50 4.32
CA SER A 100 -4.48 -7.21 4.45
C SER A 100 -3.29 -7.16 3.49
N ILE A 101 -2.51 -8.23 3.44
CA ILE A 101 -1.36 -8.32 2.53
C ILE A 101 -1.79 -8.16 1.06
N PHE A 102 -2.85 -8.86 0.64
CA PHE A 102 -3.32 -8.76 -0.75
C PHE A 102 -3.81 -7.33 -1.02
N SER A 103 -4.50 -6.71 -0.06
CA SER A 103 -4.94 -5.31 -0.24
C SER A 103 -3.74 -4.36 -0.37
N LEU A 104 -2.71 -4.55 0.46
CA LEU A 104 -1.51 -3.69 0.42
C LEU A 104 -0.76 -3.86 -0.90
N LEU A 105 -0.67 -5.09 -1.39
CA LEU A 105 0.02 -5.33 -2.67
C LEU A 105 -0.78 -4.72 -3.82
N ALA A 106 -2.11 -4.80 -3.76
CA ALA A 106 -2.96 -4.26 -4.81
C ALA A 106 -2.82 -2.72 -4.85
N ILE A 107 -2.75 -2.07 -3.68
CA ILE A 107 -2.57 -0.61 -3.64
C ILE A 107 -1.22 -0.22 -4.25
N ALA A 108 -0.14 -0.95 -3.94
CA ALA A 108 1.18 -0.64 -4.51
C ALA A 108 1.12 -0.79 -6.04
N ILE A 109 0.49 -1.87 -6.54
CA ILE A 109 0.41 -2.11 -7.97
C ILE A 109 -0.41 -1.05 -8.66
N ASP A 110 -1.54 -0.67 -8.05
CA ASP A 110 -2.42 0.37 -8.55
C ASP A 110 -1.63 1.71 -8.72
N ARG A 111 -0.84 2.09 -7.70
CA ARG A 111 -0.03 3.30 -7.75
C ARG A 111 1.07 3.23 -8.80
N TYR A 112 1.65 2.04 -9.00
CA TYR A 112 2.65 1.85 -10.04
C TYR A 112 2.03 1.99 -11.45
N ILE A 113 0.84 1.42 -11.69
CA ILE A 113 0.17 1.57 -13.00
C ILE A 113 -0.14 3.06 -13.24
N ALA A 114 -0.63 3.75 -12.20
CA ALA A 114 -0.94 5.18 -12.28
C ALA A 114 0.25 6.04 -12.68
N ILE A 115 1.47 5.76 -12.16
CA ILE A 115 2.64 6.56 -12.51
C ILE A 115 3.36 6.08 -13.79
N ALA A 116 3.37 4.78 -14.06
CA ALA A 116 4.08 4.23 -15.21
C ALA A 116 3.28 4.40 -16.50
N ILE A 117 1.96 4.17 -16.44
CA ILE A 117 1.11 4.31 -17.63
C ILE A 117 -0.15 5.13 -17.35
N PRO A 118 -0.01 6.43 -17.04
CA PRO A 118 -1.19 7.25 -16.72
C PRO A 118 -2.24 7.35 -17.82
N LEU A 119 -1.82 7.31 -19.10
CA LEU A 119 -2.77 7.40 -20.22
C LEU A 119 -3.62 6.11 -20.35
N ARG A 120 -3.10 4.96 -19.87
CA ARG A 120 -3.81 3.68 -19.91
C ARG A 120 -4.48 3.30 -18.58
N TYR A 121 -4.18 4.04 -17.48
CA TYR A 121 -4.71 3.73 -16.15
C TYR A 121 -6.23 3.59 -16.10
N ASN A 122 -6.99 4.62 -16.52
CA ASN A 122 -8.45 4.59 -16.41
C ASN A 122 -9.12 3.47 -17.22
N GLY A 123 -8.51 3.07 -18.32
CA GLY A 123 -9.06 1.98 -19.12
C GLY A 123 -8.70 0.61 -18.60
N LEU A 124 -7.58 0.50 -17.87
CA LEU A 124 -7.05 -0.77 -17.35
C LEU A 124 -7.59 -1.09 -15.96
N VAL A 125 -7.59 -0.09 -15.09
CA VAL A 125 -7.99 -0.24 -13.72
C VAL A 125 -9.37 0.37 -13.51
N THR A 126 -10.40 -0.46 -13.45
CA THR A 126 -11.79 0.00 -13.25
C THR A 126 -12.33 -0.53 -11.94
N GLY A 127 -13.40 0.09 -11.44
CA GLY A 127 -14.07 -0.35 -10.22
C GLY A 127 -14.56 -1.78 -10.33
N THR A 128 -15.09 -2.17 -11.50
CA THR A 128 -15.57 -3.53 -11.74
C THR A 128 -14.44 -4.57 -11.65
N ARG A 129 -13.27 -4.25 -12.20
CA ARG A 129 -12.13 -5.18 -12.14
C ARG A 129 -11.61 -5.22 -10.70
N ALA A 130 -11.51 -4.07 -10.04
CA ALA A 130 -11.06 -4.02 -8.65
C ALA A 130 -11.97 -4.83 -7.71
N ALA A 131 -13.30 -4.75 -7.88
CA ALA A 131 -14.22 -5.50 -7.03
C ALA A 131 -14.04 -7.02 -7.21
N GLY A 132 -13.74 -7.45 -8.45
CA GLY A 132 -13.49 -8.87 -8.72
C GLY A 132 -12.20 -9.30 -8.05
N ILE A 133 -11.14 -8.49 -8.15
CA ILE A 133 -9.87 -8.81 -7.53
C ILE A 133 -10.04 -8.89 -6.00
N ILE A 134 -10.81 -7.99 -5.40
CA ILE A 134 -11.04 -8.01 -3.94
C ILE A 134 -11.74 -9.30 -3.54
N ALA A 135 -12.76 -9.70 -4.32
CA ALA A 135 -13.50 -10.93 -4.02
C ALA A 135 -12.55 -12.16 -4.09
N ILE A 136 -11.72 -12.21 -5.14
CA ILE A 136 -10.78 -13.33 -5.34
C ILE A 136 -9.77 -13.33 -4.17
N CYS A 137 -9.28 -12.14 -3.79
CA CYS A 137 -8.30 -12.07 -2.73
C CYS A 137 -8.88 -12.53 -1.39
N TRP A 138 -10.14 -12.21 -1.09
CA TRP A 138 -10.76 -12.69 0.16
C TRP A 138 -10.88 -14.21 0.14
N VAL A 139 -11.23 -14.80 -1.00
CA VAL A 139 -11.32 -16.25 -1.11
C VAL A 139 -9.94 -16.86 -0.89
N LEU A 140 -8.91 -16.31 -1.55
CA LEU A 140 -7.54 -16.82 -1.38
C LEU A 140 -7.05 -16.68 0.09
N SER A 141 -7.43 -15.59 0.74
CA SER A 141 -7.08 -15.34 2.15
C SER A 141 -7.67 -16.44 3.04
N PHE A 142 -8.95 -16.81 2.80
CA PHE A 142 -9.55 -17.91 3.59
C PHE A 142 -8.82 -19.22 3.31
N ALA A 143 -8.48 -19.50 2.05
CA ALA A 143 -7.78 -20.74 1.70
C ALA A 143 -6.38 -20.79 2.37
N ILE A 144 -5.63 -19.68 2.34
CA ILE A 144 -4.30 -19.66 2.92
C ILE A 144 -4.35 -19.68 4.48
N GLY A 145 -5.17 -18.83 5.07
CA GLY A 145 -5.23 -18.72 6.52
C GLY A 145 -5.80 -19.95 7.19
N LEU A 146 -6.75 -20.61 6.50
CA LEU A 146 -7.39 -21.83 7.03
C LEU A 146 -6.78 -23.10 6.46
N THR A 147 -5.61 -23.03 5.81
CA THR A 147 -4.90 -24.24 5.33
C THR A 147 -4.72 -25.28 6.47
N PRO A 148 -4.40 -24.88 7.74
CA PRO A 148 -4.36 -25.88 8.82
C PRO A 148 -5.66 -26.70 8.97
N MET A 149 -6.84 -26.12 8.74
N MET A 149 -6.84 -26.11 8.67
CA MET A 149 -8.10 -26.88 8.85
CA MET A 149 -8.16 -26.79 8.70
C MET A 149 -8.17 -28.01 7.80
C MET A 149 -8.29 -27.89 7.61
N LEU A 150 -7.44 -27.84 6.67
N LEU A 150 -7.40 -27.88 6.62
CA LEU A 150 -7.34 -28.84 5.60
CA LEU A 150 -7.38 -28.91 5.59
C LEU A 150 -6.46 -30.05 5.94
C LEU A 150 -6.53 -30.13 6.00
N GLY A 151 -5.83 -30.05 7.13
CA GLY A 151 -5.05 -31.19 7.60
C GLY A 151 -3.63 -30.90 8.03
N TRP A 152 -3.14 -29.66 7.78
CA TRP A 152 -1.79 -29.33 8.18
C TRP A 152 -1.93 -28.80 9.60
N ASN A 153 -2.16 -29.69 10.54
CA ASN A 153 -2.39 -29.30 11.93
C ASN A 153 -1.85 -30.36 12.89
N ASN A 154 -1.90 -30.08 14.21
CA ASN A 154 -1.43 -31.05 15.18
C ASN A 154 -2.59 -31.82 15.82
N CYS A 155 -3.77 -31.81 15.21
CA CYS A 155 -4.95 -32.46 15.82
C CYS A 155 -4.80 -33.99 15.93
N GLY A 156 -3.96 -34.58 15.09
CA GLY A 156 -3.68 -36.00 15.13
C GLY A 156 -2.72 -36.41 16.24
N GLN A 157 -2.09 -35.45 16.92
CA GLN A 157 -1.17 -35.71 18.01
C GLN A 157 -1.52 -34.80 19.18
N PRO A 158 -2.74 -34.94 19.75
CA PRO A 158 -3.12 -34.03 20.84
C PRO A 158 -2.27 -34.19 22.09
N LYS A 159 -2.18 -33.12 22.85
CA LYS A 159 -1.45 -33.12 24.11
CA LYS A 159 -1.45 -33.14 24.11
C LYS A 159 -2.44 -33.66 25.14
N GLU A 160 -2.52 -34.97 25.23
CA GLU A 160 -3.49 -35.65 26.09
C GLU A 160 -3.29 -35.38 27.56
N GLY A 161 -2.06 -35.19 27.99
CA GLY A 161 -1.78 -34.87 29.38
C GLY A 161 -2.32 -33.51 29.77
N LYS A 162 -2.18 -32.55 28.86
CA LYS A 162 -2.69 -31.21 29.10
C LYS A 162 -4.22 -31.22 29.05
N ALA A 163 -4.81 -31.98 28.13
CA ALA A 163 -6.27 -32.10 28.02
C ALA A 163 -6.82 -32.77 29.31
N HIS A 164 -6.17 -33.84 29.79
CA HIS A 164 -6.59 -34.52 31.02
C HIS A 164 -6.46 -33.60 32.22
N SER A 165 -5.35 -32.85 32.32
CA SER A 165 -5.15 -31.97 33.47
C SER A 165 -6.23 -30.91 33.58
N GLN A 166 -6.77 -30.45 32.43
CA GLN A 166 -7.84 -29.44 32.42
C GLN A 166 -9.25 -29.98 32.43
N GLY A 167 -9.42 -31.29 32.48
CA GLY A 167 -10.74 -31.90 32.49
C GLY A 167 -11.43 -31.92 31.15
N CYS A 168 -10.68 -31.83 30.03
CA CYS A 168 -11.29 -31.86 28.70
C CYS A 168 -11.94 -33.20 28.40
N GLY A 169 -13.00 -33.18 27.60
CA GLY A 169 -13.69 -34.40 27.22
C GLY A 169 -13.02 -35.11 26.05
N GLU A 170 -13.65 -36.18 25.54
CA GLU A 170 -13.10 -36.93 24.43
C GLU A 170 -13.13 -36.16 23.13
N GLY A 171 -12.02 -36.22 22.40
CA GLY A 171 -11.86 -35.47 21.16
C GLY A 171 -11.61 -34.00 21.39
N GLN A 172 -11.37 -33.59 22.65
CA GLN A 172 -11.10 -32.19 22.94
C GLN A 172 -9.66 -32.00 23.34
N VAL A 173 -9.15 -30.79 23.11
CA VAL A 173 -7.82 -30.40 23.53
C VAL A 173 -7.91 -29.07 24.26
N ALA A 174 -6.86 -28.70 25.02
CA ALA A 174 -6.75 -27.35 25.57
C ALA A 174 -6.47 -26.47 24.31
N CYS A 175 -7.34 -25.51 24.04
CA CYS A 175 -7.22 -24.70 22.84
C CYS A 175 -6.19 -23.61 22.96
N LEU A 176 -4.98 -23.94 22.48
CA LEU A 176 -3.82 -23.10 22.50
C LEU A 176 -3.24 -23.08 21.10
N PHE A 177 -2.96 -21.89 20.62
CA PHE A 177 -2.50 -21.70 19.21
C PHE A 177 -1.33 -22.59 18.85
N GLU A 178 -0.25 -22.56 19.66
CA GLU A 178 0.94 -23.35 19.31
C GLU A 178 0.79 -24.87 19.54
N ASP A 179 -0.29 -25.28 20.21
CA ASP A 179 -0.55 -26.70 20.34
C ASP A 179 -1.25 -27.24 19.10
N VAL A 180 -2.08 -26.44 18.39
CA VAL A 180 -2.82 -26.97 17.24
C VAL A 180 -2.26 -26.54 15.88
N VAL A 181 -1.59 -25.36 15.82
CA VAL A 181 -1.05 -24.86 14.55
C VAL A 181 0.41 -25.23 14.45
N PRO A 182 0.79 -26.01 13.42
CA PRO A 182 2.20 -26.43 13.29
C PRO A 182 3.12 -25.26 13.03
N MET A 183 4.33 -25.28 13.63
N MET A 183 4.33 -25.31 13.62
CA MET A 183 5.26 -24.18 13.43
CA MET A 183 5.29 -24.23 13.42
C MET A 183 5.92 -24.22 12.04
C MET A 183 5.88 -24.24 12.03
N ASN A 184 6.00 -25.43 11.39
CA ASN A 184 6.52 -25.48 10.01
C ASN A 184 5.53 -24.74 9.07
N TYR A 185 4.23 -24.86 9.31
CA TYR A 185 3.23 -24.07 8.55
C TYR A 185 3.45 -22.58 8.84
N MET A 186 3.59 -22.21 10.14
CA MET A 186 3.72 -20.79 10.49
C MET A 186 4.96 -20.14 9.90
N VAL A 187 6.05 -20.88 9.84
CA VAL A 187 7.32 -20.30 9.36
C VAL A 187 7.48 -20.36 7.82
N TYR A 188 7.42 -21.57 7.26
CA TYR A 188 7.64 -21.72 5.82
C TYR A 188 6.48 -21.22 4.99
N PHE A 189 5.26 -21.57 5.37
CA PHE A 189 4.11 -21.29 4.51
C PHE A 189 3.55 -19.93 4.80
N ASN A 190 3.12 -19.70 6.04
CA ASN A 190 2.53 -18.44 6.38
C ASN A 190 3.55 -17.32 6.29
N PHE A 191 4.70 -17.44 7.00
CA PHE A 191 5.63 -16.33 7.03
C PHE A 191 6.42 -16.17 5.71
N PHE A 192 7.27 -17.12 5.39
CA PHE A 192 8.13 -17.00 4.22
C PHE A 192 7.35 -16.83 2.91
N ALA A 193 6.47 -17.78 2.63
CA ALA A 193 5.77 -17.75 1.34
C ALA A 193 4.67 -16.72 1.27
N CYS A 194 3.79 -16.67 2.31
CA CYS A 194 2.61 -15.83 2.21
C CYS A 194 2.72 -14.41 2.76
N VAL A 195 3.74 -14.11 3.55
CA VAL A 195 3.87 -12.77 4.12
C VAL A 195 5.15 -12.06 3.62
N LEU A 196 6.30 -12.68 3.82
CA LEU A 196 7.58 -12.10 3.47
C LEU A 196 7.76 -11.89 2.00
N VAL A 197 7.46 -12.89 1.18
CA VAL A 197 7.55 -12.73 -0.28
C VAL A 197 6.64 -11.58 -0.76
N PRO A 198 5.32 -11.54 -0.44
CA PRO A 198 4.52 -10.37 -0.85
C PRO A 198 5.08 -9.04 -0.31
N LEU A 199 5.59 -8.99 0.93
CA LEU A 199 6.14 -7.73 1.45
C LEU A 199 7.41 -7.30 0.65
N LEU A 200 8.24 -8.25 0.25
CA LEU A 200 9.42 -7.95 -0.56
C LEU A 200 9.01 -7.51 -1.98
N LEU A 201 7.95 -8.11 -2.52
CA LEU A 201 7.38 -7.71 -3.80
C LEU A 201 6.85 -6.28 -3.72
N MET A 202 6.16 -5.92 -2.61
CA MET A 202 5.66 -4.56 -2.37
C MET A 202 6.84 -3.60 -2.31
N LEU A 203 7.92 -3.99 -1.61
CA LEU A 203 9.13 -3.15 -1.54
C LEU A 203 9.67 -2.88 -2.97
N GLY A 204 9.75 -3.92 -3.81
CA GLY A 204 10.18 -3.80 -5.20
C GLY A 204 9.28 -2.86 -5.98
N VAL A 205 7.96 -2.99 -5.83
CA VAL A 205 7.00 -2.11 -6.52
C VAL A 205 7.16 -0.64 -6.09
N TYR A 206 7.30 -0.38 -4.78
CA TYR A 206 7.49 0.98 -4.28
C TYR A 206 8.82 1.57 -4.79
N LEU A 207 9.89 0.76 -4.87
CA LEU A 207 11.16 1.24 -5.42
C LEU A 207 10.98 1.67 -6.87
N ARG A 208 10.25 0.89 -7.64
CA ARG A 208 9.97 1.21 -9.04
C ARG A 208 9.10 2.47 -9.14
N ILE A 209 8.14 2.67 -8.22
CA ILE A 209 7.30 3.87 -8.25
C ILE A 209 8.17 5.12 -8.04
N PHE A 210 8.99 5.11 -6.99
CA PHE A 210 9.84 6.24 -6.70
C PHE A 210 10.87 6.48 -7.81
N ALA A 211 11.40 5.41 -8.41
CA ALA A 211 12.37 5.58 -9.50
C ALA A 211 11.68 6.16 -10.74
N ALA A 212 10.45 5.74 -11.01
CA ALA A 212 9.70 6.24 -12.17
C ALA A 212 9.41 7.73 -11.98
N ALA A 213 9.00 8.13 -10.77
CA ALA A 213 8.71 9.52 -10.49
C ALA A 213 9.95 10.39 -10.62
N ARG A 214 11.09 9.91 -10.10
CA ARG A 214 12.35 10.62 -10.17
C ARG A 214 12.77 10.84 -11.62
N ARG A 215 12.65 9.79 -12.46
CA ARG A 215 13.01 9.83 -13.87
C ARG A 215 12.08 10.77 -14.64
N GLN A 216 10.79 10.75 -14.32
CA GLN A 216 9.83 11.61 -14.99
C GLN A 216 10.00 13.06 -14.60
N LEU A 217 10.37 13.34 -13.34
CA LEU A 217 10.62 14.70 -12.90
C LEU A 217 11.90 15.22 -13.55
N ALA A 218 12.94 14.36 -13.65
CA ALA A 218 14.19 14.75 -14.30
C ALA A 218 13.97 15.02 -15.78
N ASP A 219 13.10 14.25 -16.45
CA ASP A 219 12.77 14.44 -17.86
C ASP A 219 11.99 15.74 -18.11
N LEU A 220 11.17 16.16 -17.13
CA LEU A 220 10.43 17.42 -17.25
C LEU A 220 11.43 18.59 -17.19
N GLU A 221 12.41 18.50 -16.27
CA GLU A 221 13.40 19.56 -16.14
C GLU A 221 14.37 19.57 -17.32
N ASP A 222 14.73 18.38 -17.83
CA ASP A 222 15.64 18.28 -18.97
C ASP A 222 15.03 18.89 -20.23
N ASN A 223 13.72 18.68 -20.47
CA ASN A 223 13.07 19.23 -21.66
C ASN A 223 12.95 20.76 -21.59
N TRP A 224 12.75 21.28 -20.38
CA TRP A 224 12.66 22.70 -20.11
C TRP A 224 14.05 23.34 -20.28
N GLU A 225 15.10 22.66 -19.78
CA GLU A 225 16.46 23.17 -19.93
C GLU A 225 16.89 23.15 -21.39
N THR A 226 16.52 22.10 -22.14
CA THR A 226 16.83 21.95 -23.55
C THR A 226 16.16 23.07 -24.36
N LEU A 227 14.90 23.41 -24.04
CA LEU A 227 14.21 24.49 -24.73
C LEU A 227 14.96 25.82 -24.50
N ASN A 228 15.32 26.12 -23.25
CA ASN A 228 16.02 27.35 -22.92
C ASN A 228 17.45 27.43 -23.48
N ASP A 229 18.17 26.31 -23.49
CA ASP A 229 19.51 26.25 -24.04
C ASP A 229 19.45 26.45 -25.53
N ASN A 230 18.51 25.80 -26.22
CA ASN A 230 18.39 25.93 -27.66
C ASN A 230 17.98 27.33 -28.11
N LEU A 231 17.24 28.08 -27.27
CA LEU A 231 16.90 29.46 -27.61
C LEU A 231 18.19 30.30 -27.64
N LYS A 232 19.10 30.05 -26.68
CA LYS A 232 20.39 30.75 -26.61
C LYS A 232 21.27 30.39 -27.79
N VAL A 233 21.29 29.10 -28.19
CA VAL A 233 22.04 28.64 -29.38
C VAL A 233 21.59 29.44 -30.63
N ILE A 234 20.26 29.58 -30.81
CA ILE A 234 19.70 30.37 -31.91
C ILE A 234 20.12 31.84 -31.81
N GLU A 235 20.03 32.45 -30.62
CA GLU A 235 20.42 33.84 -30.39
C GLU A 235 21.88 34.10 -30.73
N LYS A 236 22.76 33.16 -30.42
CA LYS A 236 24.18 33.33 -30.69
C LYS A 236 24.65 32.69 -32.00
N ALA A 237 23.71 32.16 -32.81
CA ALA A 237 24.06 31.52 -34.07
C ALA A 237 24.70 32.50 -35.03
N ASP A 238 25.62 32.00 -35.85
CA ASP A 238 26.33 32.84 -36.80
C ASP A 238 25.91 32.64 -38.27
N ASN A 239 24.92 31.77 -38.52
CA ASN A 239 24.41 31.51 -39.86
C ASN A 239 23.07 30.74 -39.79
N ALA A 240 22.36 30.64 -40.92
CA ALA A 240 21.06 29.97 -40.99
C ALA A 240 21.15 28.49 -40.65
N ALA A 241 22.28 27.84 -40.98
CA ALA A 241 22.46 26.42 -40.70
C ALA A 241 22.50 26.10 -39.22
N GLN A 242 23.07 26.98 -38.39
CA GLN A 242 23.10 26.76 -36.94
C GLN A 242 21.73 26.99 -36.32
N VAL A 243 20.94 27.94 -36.87
CA VAL A 243 19.59 28.19 -36.38
C VAL A 243 18.73 26.96 -36.72
N LYS A 244 18.86 26.44 -37.97
CA LYS A 244 18.13 25.25 -38.44
C LYS A 244 18.40 24.04 -37.54
N ASP A 245 19.67 23.77 -37.25
CA ASP A 245 20.04 22.62 -36.40
C ASP A 245 19.39 22.71 -35.02
N ALA A 246 19.37 23.90 -34.41
CA ALA A 246 18.75 24.08 -33.10
C ALA A 246 17.21 24.00 -33.16
N LEU A 247 16.59 24.54 -34.21
CA LEU A 247 15.13 24.45 -34.36
C LEU A 247 14.67 23.01 -34.62
N THR A 248 15.48 22.22 -35.34
CA THR A 248 15.20 20.83 -35.63
C THR A 248 15.08 20.03 -34.33
N LYS A 249 16.02 20.25 -33.38
CA LYS A 249 15.99 19.59 -32.08
C LYS A 249 14.82 20.10 -31.22
N MET A 250 14.47 21.38 -31.36
CA MET A 250 13.36 21.95 -30.61
C MET A 250 12.04 21.36 -31.09
N ARG A 251 11.86 21.19 -32.40
CA ARG A 251 10.62 20.65 -32.93
C ARG A 251 10.40 19.21 -32.45
N ALA A 252 11.47 18.39 -32.45
CA ALA A 252 11.40 17.01 -31.96
C ALA A 252 11.03 16.98 -30.48
N ALA A 253 11.66 17.83 -29.65
CA ALA A 253 11.37 17.91 -28.21
C ALA A 253 9.94 18.36 -27.94
N ALA A 254 9.44 19.35 -28.71
CA ALA A 254 8.08 19.87 -28.54
C ALA A 254 7.06 18.77 -28.81
N LEU A 255 7.27 17.99 -29.89
CA LEU A 255 6.38 16.88 -30.25
C LEU A 255 6.44 15.74 -29.22
N ASP A 256 7.63 15.51 -28.64
CA ASP A 256 7.84 14.50 -27.61
C ASP A 256 7.14 14.90 -26.31
N ALA A 257 7.13 16.19 -25.98
CA ALA A 257 6.44 16.68 -24.79
C ALA A 257 4.91 16.76 -24.98
N GLN A 258 4.43 16.70 -26.24
CA GLN A 258 3.02 16.75 -26.58
C GLN A 258 2.50 15.31 -26.80
N LYS A 259 2.89 14.39 -25.90
CA LYS A 259 2.48 13.00 -26.01
C LYS A 259 1.98 12.46 -24.68
N ASP A 277 -6.06 24.79 -23.07
CA ASP A 277 -5.01 25.81 -23.05
C ASP A 277 -3.63 25.20 -23.27
N PHE A 278 -3.40 24.00 -22.73
CA PHE A 278 -2.10 23.34 -22.90
C PHE A 278 -1.91 22.81 -24.30
N ARG A 279 -2.99 22.31 -24.92
CA ARG A 279 -2.91 21.83 -26.31
C ARG A 279 -2.73 23.05 -27.23
N HIS A 280 -3.41 24.17 -26.92
CA HIS A 280 -3.26 25.39 -27.71
C HIS A 280 -1.82 25.90 -27.61
N GLY A 281 -1.26 25.88 -26.40
CA GLY A 281 0.12 26.29 -26.15
C GLY A 281 1.12 25.51 -26.97
N PHE A 282 0.97 24.17 -27.01
CA PHE A 282 1.87 23.33 -27.79
C PHE A 282 1.67 23.52 -29.29
N ASP A 283 0.43 23.80 -29.73
CA ASP A 283 0.11 24.08 -31.14
C ASP A 283 0.84 25.37 -31.54
N ILE A 284 0.81 26.40 -30.68
CA ILE A 284 1.52 27.65 -30.93
C ILE A 284 3.02 27.38 -31.03
N LEU A 285 3.58 26.66 -30.04
CA LEU A 285 5.01 26.35 -29.97
C LEU A 285 5.51 25.63 -31.21
N VAL A 286 4.84 24.54 -31.62
CA VAL A 286 5.25 23.80 -32.80
C VAL A 286 5.14 24.67 -34.04
N GLY A 287 4.06 25.44 -34.14
CA GLY A 287 3.85 26.35 -35.25
C GLY A 287 4.93 27.41 -35.35
N GLN A 288 5.33 27.96 -34.21
CA GLN A 288 6.33 29.02 -34.18
C GLN A 288 7.69 28.48 -34.55
N ILE A 289 8.00 27.25 -34.11
CA ILE A 289 9.24 26.60 -34.47
C ILE A 289 9.23 26.33 -35.98
N ASP A 290 8.09 25.89 -36.54
CA ASP A 290 7.96 25.67 -37.99
C ASP A 290 8.15 26.96 -38.80
N ASP A 291 7.64 28.09 -38.31
CA ASP A 291 7.81 29.39 -38.98
C ASP A 291 9.30 29.74 -39.03
N ALA A 292 9.99 29.63 -37.87
CA ALA A 292 11.41 29.96 -37.77
C ALA A 292 12.25 29.02 -38.67
N LEU A 293 11.89 27.73 -38.69
N LEU A 293 11.88 27.73 -38.70
CA LEU A 293 12.60 26.73 -39.50
CA LEU A 293 12.57 26.72 -39.50
C LEU A 293 12.45 27.00 -40.99
C LEU A 293 12.44 27.00 -40.99
N LYS A 294 11.26 27.45 -41.44
CA LYS A 294 11.06 27.77 -42.84
C LYS A 294 11.97 28.95 -43.25
N LEU A 295 12.09 29.95 -42.36
CA LEU A 295 12.96 31.11 -42.62
C LEU A 295 14.42 30.69 -42.65
N ALA A 296 14.84 29.84 -41.71
CA ALA A 296 16.20 29.32 -41.65
C ALA A 296 16.53 28.49 -42.91
N ASN A 297 15.56 27.71 -43.44
CA ASN A 297 15.76 26.93 -44.67
C ASN A 297 15.95 27.83 -45.91
N GLU A 298 15.42 29.05 -45.88
CA GLU A 298 15.58 30.03 -46.95
C GLU A 298 16.86 30.90 -46.81
N GLY A 299 17.69 30.59 -45.81
CA GLY A 299 18.92 31.35 -45.55
C GLY A 299 18.69 32.69 -44.88
N LYS A 300 17.49 32.92 -44.32
CA LYS A 300 17.17 34.18 -43.68
C LYS A 300 17.48 34.10 -42.19
N VAL A 301 18.77 34.20 -41.81
CA VAL A 301 19.18 34.07 -40.41
C VAL A 301 18.52 35.11 -39.46
N LYS A 302 18.57 36.40 -39.78
CA LYS A 302 18.01 37.43 -38.91
C LYS A 302 16.51 37.28 -38.71
N GLU A 303 15.77 36.98 -39.78
CA GLU A 303 14.33 36.80 -39.68
C GLU A 303 14.01 35.54 -38.86
N ALA A 304 14.82 34.48 -39.02
CA ALA A 304 14.63 33.21 -38.28
C ALA A 304 14.88 33.43 -36.80
N GLN A 305 15.94 34.19 -36.46
CA GLN A 305 16.25 34.49 -35.05
C GLN A 305 15.15 35.35 -34.41
N ALA A 306 14.58 36.30 -35.16
CA ALA A 306 13.49 37.15 -34.65
C ALA A 306 12.23 36.30 -34.46
N ALA A 307 11.95 35.38 -35.38
CA ALA A 307 10.79 34.50 -35.26
C ALA A 307 10.99 33.57 -34.05
N ALA A 308 12.21 33.05 -33.84
CA ALA A 308 12.51 32.21 -32.68
C ALA A 308 12.33 32.95 -31.37
N GLU A 309 12.57 34.28 -31.36
CA GLU A 309 12.37 35.07 -30.13
C GLU A 309 10.91 35.04 -29.66
N GLN A 310 9.97 34.94 -30.58
CA GLN A 310 8.55 34.86 -30.26
C GLN A 310 8.21 33.61 -29.43
N LEU A 311 9.08 32.58 -29.45
CA LEU A 311 8.90 31.37 -28.64
C LEU A 311 8.91 31.70 -27.15
N LYS A 312 9.57 32.81 -26.74
CA LYS A 312 9.62 33.20 -25.34
C LYS A 312 8.24 33.59 -24.82
N THR A 313 7.42 34.24 -25.66
CA THR A 313 6.07 34.61 -25.25
C THR A 313 5.24 33.35 -24.99
N THR A 314 5.38 32.36 -25.86
CA THR A 314 4.64 31.10 -25.71
C THR A 314 5.14 30.33 -24.48
N ARG A 315 6.44 30.33 -24.26
CA ARG A 315 7.05 29.63 -23.13
C ARG A 315 6.58 30.24 -21.81
N ASN A 316 6.50 31.57 -21.74
CA ASN A 316 6.09 32.27 -20.54
C ASN A 316 4.62 32.15 -20.28
N ALA A 317 3.76 32.20 -21.32
CA ALA A 317 2.33 32.13 -21.12
C ALA A 317 1.74 30.74 -21.07
N TYR A 318 2.37 29.73 -21.70
CA TYR A 318 1.80 28.38 -21.71
C TYR A 318 2.72 27.27 -21.18
N ILE A 319 3.92 27.11 -21.76
CA ILE A 319 4.85 26.04 -21.45
C ILE A 319 5.26 26.00 -19.97
N GLN A 320 5.55 27.15 -19.36
CA GLN A 320 5.93 27.21 -17.96
C GLN A 320 4.78 26.71 -17.07
N LYS A 321 3.53 27.07 -17.41
CA LYS A 321 2.36 26.61 -16.65
C LYS A 321 2.19 25.10 -16.78
N TYR A 322 2.44 24.56 -17.97
CA TYR A 322 2.36 23.13 -18.22
C TYR A 322 3.42 22.41 -17.37
N LEU A 323 4.67 22.87 -17.40
CA LEU A 323 5.77 22.31 -16.62
C LEU A 323 5.43 22.29 -15.12
N GLU A 324 4.87 23.40 -14.61
CA GLU A 324 4.52 23.52 -13.21
C GLU A 324 3.39 22.59 -12.83
N ARG A 325 2.36 22.49 -13.68
CA ARG A 325 1.25 21.58 -13.40
C ARG A 325 1.70 20.12 -13.45
N ALA A 326 2.56 19.73 -14.42
CA ALA A 326 3.06 18.36 -14.54
C ALA A 326 3.94 18.00 -13.33
N ARG A 327 4.78 18.93 -12.89
CA ARG A 327 5.65 18.73 -11.74
C ARG A 327 4.79 18.56 -10.48
N SER A 328 3.75 19.39 -10.35
CA SER A 328 2.86 19.35 -9.18
C SER A 328 2.13 18.01 -9.13
N THR A 329 1.68 17.51 -10.29
CA THR A 329 1.00 16.23 -10.37
C THR A 329 1.91 15.08 -9.92
N LEU A 330 3.17 15.07 -10.40
CA LEU A 330 4.14 14.07 -10.00
C LEU A 330 4.46 14.15 -8.51
N GLN A 331 4.54 15.35 -7.94
CA GLN A 331 4.82 15.50 -6.52
C GLN A 331 3.68 14.96 -5.65
N LYS A 332 2.43 15.10 -6.12
CA LYS A 332 1.26 14.56 -5.42
C LYS A 332 1.27 13.02 -5.50
N GLU A 333 1.72 12.45 -6.62
CA GLU A 333 1.84 11.00 -6.76
C GLU A 333 2.94 10.47 -5.84
N VAL A 334 4.09 11.18 -5.73
CA VAL A 334 5.16 10.76 -4.80
C VAL A 334 4.64 10.79 -3.36
N HIS A 335 3.94 11.88 -2.96
CA HIS A 335 3.38 12.00 -1.61
C HIS A 335 2.37 10.87 -1.35
N ALA A 336 1.50 10.57 -2.33
CA ALA A 336 0.50 9.50 -2.13
C ALA A 336 1.16 8.12 -2.06
N ALA A 337 2.23 7.88 -2.84
CA ALA A 337 2.92 6.60 -2.80
C ALA A 337 3.66 6.47 -1.47
N LYS A 338 4.20 7.58 -0.92
CA LYS A 338 4.85 7.54 0.39
C LYS A 338 3.81 7.20 1.45
N SER A 339 2.60 7.79 1.38
CA SER A 339 1.55 7.47 2.36
C SER A 339 1.21 5.97 2.30
N ALA A 340 0.99 5.46 1.10
CA ALA A 340 0.70 4.05 0.91
C ALA A 340 1.86 3.16 1.44
N ALA A 341 3.13 3.54 1.16
CA ALA A 341 4.30 2.76 1.63
C ALA A 341 4.42 2.77 3.15
N ILE A 342 4.05 3.88 3.80
CA ILE A 342 4.13 3.95 5.28
C ILE A 342 3.13 2.91 5.87
N ILE A 343 1.93 2.78 5.29
N ILE A 343 1.93 2.79 5.28
CA ILE A 343 0.97 1.81 5.77
CA ILE A 343 0.92 1.82 5.71
C ILE A 343 1.49 0.37 5.59
C ILE A 343 1.48 0.39 5.59
N ALA A 344 2.09 0.08 4.43
CA ALA A 344 2.68 -1.24 4.19
C ALA A 344 3.85 -1.49 5.18
N GLY A 345 4.65 -0.47 5.44
CA GLY A 345 5.79 -0.62 6.35
C GLY A 345 5.34 -0.82 7.78
N LEU A 346 4.25 -0.12 8.17
CA LEU A 346 3.72 -0.26 9.54
C LEU A 346 3.08 -1.66 9.70
N PHE A 347 2.49 -2.23 8.64
CA PHE A 347 1.99 -3.61 8.71
C PHE A 347 3.18 -4.56 9.00
N ALA A 348 4.28 -4.37 8.25
CA ALA A 348 5.46 -5.19 8.45
C ALA A 348 6.03 -5.02 9.88
N LEU A 349 6.11 -3.78 10.36
N LEU A 349 6.12 -3.78 10.38
CA LEU A 349 6.64 -3.50 11.69
CA LEU A 349 6.67 -3.53 11.71
C LEU A 349 5.81 -4.20 12.77
C LEU A 349 5.82 -4.12 12.84
N CYS A 350 4.49 -4.13 12.66
CA CYS A 350 3.60 -4.68 13.68
C CYS A 350 3.57 -6.21 13.70
N TRP A 351 3.68 -6.82 12.53
CA TRP A 351 3.59 -8.28 12.43
C TRP A 351 4.92 -9.00 12.51
N LEU A 352 6.04 -8.34 12.10
CA LEU A 352 7.34 -9.03 12.11
C LEU A 352 7.73 -9.64 13.45
N PRO A 353 7.52 -8.96 14.59
CA PRO A 353 7.92 -9.55 15.88
C PRO A 353 7.30 -10.93 16.11
N LEU A 354 6.00 -11.13 15.90
CA LEU A 354 5.39 -12.46 16.10
C LEU A 354 6.04 -13.47 15.14
N HIS A 355 6.21 -13.11 13.87
CA HIS A 355 6.83 -14.04 12.89
C HIS A 355 8.26 -14.36 13.27
N ILE A 356 9.01 -13.37 13.74
CA ILE A 356 10.42 -13.59 14.13
C ILE A 356 10.48 -14.50 15.35
N ILE A 357 9.58 -14.29 16.33
CA ILE A 357 9.51 -15.20 17.49
C ILE A 357 9.25 -16.63 17.03
N ASN A 358 8.34 -16.79 16.07
CA ASN A 358 8.04 -18.09 15.51
C ASN A 358 9.26 -18.72 14.88
N CYS A 359 10.07 -17.92 14.21
CA CYS A 359 11.32 -18.43 13.64
C CYS A 359 12.26 -18.94 14.78
N PHE A 360 12.36 -18.23 15.91
CA PHE A 360 13.18 -18.71 17.05
C PHE A 360 12.62 -20.00 17.62
N THR A 361 11.31 -20.06 17.81
CA THR A 361 10.67 -21.25 18.35
C THR A 361 10.97 -22.47 17.44
N PHE A 362 10.86 -22.26 16.14
CA PHE A 362 11.00 -23.32 15.17
C PHE A 362 12.44 -23.74 14.88
N PHE A 363 13.29 -22.78 14.58
CA PHE A 363 14.67 -23.08 14.18
C PHE A 363 15.60 -23.29 15.34
N CYS A 364 15.23 -22.81 16.55
CA CYS A 364 16.10 -23.00 17.70
C CYS A 364 15.43 -23.80 18.82
N PRO A 365 15.31 -25.12 18.68
CA PRO A 365 14.71 -25.94 19.75
C PRO A 365 15.57 -26.00 21.01
N ASP A 366 16.85 -25.62 20.95
CA ASP A 366 17.72 -25.52 22.12
C ASP A 366 17.55 -24.15 22.85
N CYS A 367 16.81 -23.19 22.25
CA CYS A 367 16.57 -21.87 22.86
C CYS A 367 15.34 -22.02 23.69
N SER A 368 15.29 -21.35 24.85
CA SER A 368 14.06 -21.34 25.66
C SER A 368 12.96 -20.62 24.84
N HIS A 369 11.69 -21.05 24.96
CA HIS A 369 10.61 -20.38 24.21
C HIS A 369 10.52 -18.93 24.70
N ALA A 370 10.17 -17.98 23.82
CA ALA A 370 9.92 -16.58 24.18
C ALA A 370 8.86 -16.60 25.34
N PRO A 371 9.08 -15.81 26.39
CA PRO A 371 8.18 -15.88 27.54
C PRO A 371 6.76 -15.45 27.20
N LEU A 372 5.80 -15.87 28.03
CA LEU A 372 4.41 -15.58 27.79
C LEU A 372 4.13 -14.07 27.73
N TRP A 373 4.80 -13.25 28.58
CA TRP A 373 4.57 -11.80 28.51
C TRP A 373 4.98 -11.24 27.14
N LEU A 374 6.05 -11.79 26.54
CA LEU A 374 6.52 -11.32 25.25
C LEU A 374 5.58 -11.80 24.14
N MET A 375 5.01 -12.99 24.27
CA MET A 375 4.03 -13.49 23.30
C MET A 375 2.81 -12.58 23.32
N TYR A 376 2.32 -12.22 24.52
CA TYR A 376 1.15 -11.33 24.61
C TYR A 376 1.49 -9.96 24.01
N LEU A 377 2.71 -9.47 24.26
N LEU A 377 2.72 -9.47 24.26
CA LEU A 377 3.12 -8.17 23.71
CA LEU A 377 3.13 -8.18 23.72
C LEU A 377 3.15 -8.21 22.19
C LEU A 377 3.15 -8.21 22.19
N ALA A 378 3.72 -9.28 21.60
CA ALA A 378 3.80 -9.40 20.13
C ALA A 378 2.38 -9.52 19.53
N ILE A 379 1.46 -10.21 20.23
CA ILE A 379 0.08 -10.34 19.72
C ILE A 379 -0.58 -8.99 19.76
N VAL A 380 -0.44 -8.27 20.89
CA VAL A 380 -1.04 -6.95 21.01
C VAL A 380 -0.48 -5.97 19.96
N LEU A 381 0.82 -6.05 19.71
CA LEU A 381 1.43 -5.18 18.69
C LEU A 381 0.84 -5.50 17.30
N ALA A 382 0.67 -6.78 16.96
CA ALA A 382 0.08 -7.16 15.69
C ALA A 382 -1.35 -6.60 15.62
N HIS A 383 -2.11 -6.66 16.73
CA HIS A 383 -3.47 -6.11 16.72
C HIS A 383 -3.52 -4.60 16.56
N THR A 384 -2.56 -3.90 17.16
N THR A 384 -2.56 -3.87 17.17
CA THR A 384 -2.46 -2.45 17.07
CA THR A 384 -2.53 -2.40 17.04
C THR A 384 -2.35 -1.98 15.62
C THR A 384 -2.37 -1.96 15.61
N ASN A 385 -1.86 -2.82 14.71
CA ASN A 385 -1.80 -2.47 13.28
C ASN A 385 -3.24 -2.15 12.75
N SER A 386 -4.26 -2.78 13.34
CA SER A 386 -5.64 -2.51 12.92
C SER A 386 -6.19 -1.16 13.39
N VAL A 387 -5.45 -0.43 14.21
CA VAL A 387 -5.86 0.88 14.68
C VAL A 387 -5.18 2.00 13.87
N VAL A 388 -3.95 1.77 13.36
CA VAL A 388 -3.14 2.87 12.83
C VAL A 388 -3.55 3.45 11.45
N ASN A 389 -4.04 2.65 10.49
CA ASN A 389 -4.28 3.21 9.13
C ASN A 389 -5.18 4.46 9.11
N PRO A 390 -6.29 4.51 9.85
CA PRO A 390 -7.13 5.73 9.84
C PRO A 390 -6.35 6.99 10.25
N PHE A 391 -5.34 6.85 11.13
CA PHE A 391 -4.49 7.96 11.57
C PHE A 391 -3.56 8.39 10.46
N ILE A 392 -2.98 7.44 9.72
CA ILE A 392 -2.11 7.78 8.58
C ILE A 392 -2.94 8.50 7.51
N TYR A 393 -4.17 8.05 7.25
CA TYR A 393 -5.02 8.70 6.26
C TYR A 393 -5.34 10.13 6.72
N ALA A 394 -5.72 10.31 8.00
CA ALA A 394 -6.09 11.62 8.52
C ALA A 394 -4.93 12.62 8.45
N TYR A 395 -3.72 12.18 8.77
CA TYR A 395 -2.56 13.07 8.77
C TYR A 395 -1.97 13.36 7.40
N ARG A 396 -2.06 12.42 6.47
CA ARG A 396 -1.42 12.56 5.16
C ARG A 396 -2.32 12.81 3.96
N ILE A 397 -3.62 12.60 4.08
CA ILE A 397 -4.52 12.72 2.93
C ILE A 397 -5.61 13.71 3.25
N ARG A 398 -5.49 14.91 2.67
CA ARG A 398 -6.45 15.99 2.89
C ARG A 398 -7.90 15.59 2.67
N GLU A 399 -8.21 14.86 1.58
CA GLU A 399 -9.59 14.46 1.30
C GLU A 399 -10.16 13.57 2.42
N PHE A 400 -9.33 12.67 3.01
CA PHE A 400 -9.81 11.85 4.12
C PHE A 400 -10.01 12.71 5.35
N ARG A 401 -9.01 13.51 5.72
CA ARG A 401 -9.05 14.41 6.85
C ARG A 401 -10.30 15.31 6.86
N GLN A 402 -10.61 15.98 5.73
CA GLN A 402 -11.78 16.86 5.61
C GLN A 402 -13.09 16.09 5.73
N THR A 403 -13.14 14.88 5.17
CA THR A 403 -14.34 14.04 5.27
C THR A 403 -14.53 13.53 6.69
N PHE A 404 -13.43 13.15 7.38
CA PHE A 404 -13.51 12.72 8.78
C PHE A 404 -14.01 13.88 9.64
N ARG A 405 -13.52 15.10 9.40
N ARG A 405 -13.52 15.10 9.38
CA ARG A 405 -13.98 16.28 10.14
CA ARG A 405 -13.95 16.30 10.11
C ARG A 405 -15.47 16.52 9.92
C ARG A 405 -15.45 16.53 9.91
N LYS A 406 -15.94 16.41 8.66
CA LYS A 406 -17.37 16.58 8.35
C LYS A 406 -18.27 15.53 9.01
N ILE A 407 -17.85 14.24 9.01
CA ILE A 407 -18.61 13.16 9.65
C ILE A 407 -18.67 13.36 11.17
N ILE A 408 -17.53 13.70 11.78
CA ILE A 408 -17.48 13.89 13.22
C ILE A 408 -18.29 15.13 13.65
N ARG A 409 -18.27 16.20 12.85
CA ARG A 409 -19.03 17.42 13.17
C ARG A 409 -20.54 17.20 12.98
N SER A 410 -20.94 16.71 11.82
CA SER A 410 -22.36 16.49 11.52
C SER A 410 -22.96 15.38 12.38
NA NA B . -4.81 -5.44 8.71
C1 CLR C . -16.40 -23.74 20.47
C2 CLR C . -15.89 -24.97 21.24
C3 CLR C . -16.19 -26.26 20.49
C4 CLR C . -15.56 -26.21 19.12
C5 CLR C . -16.03 -25.01 18.33
C6 CLR C . -16.53 -25.17 17.11
C7 CLR C . -16.93 -24.05 16.20
C8 CLR C . -16.61 -22.66 16.73
C9 CLR C . -16.77 -22.58 18.27
C10 CLR C . -15.89 -23.65 19.02
C11 CLR C . -16.55 -21.15 18.82
C12 CLR C . -17.45 -20.13 18.10
C13 CLR C . -17.28 -20.16 16.57
C14 CLR C . -17.52 -21.62 16.09
C15 CLR C . -17.60 -21.50 14.57
C16 CLR C . -18.36 -20.18 14.37
C17 CLR C . -18.36 -19.42 15.73
C18 CLR C . -15.87 -19.67 16.18
C19 CLR C . -14.39 -23.27 19.01
C20 CLR C . -18.30 -17.89 15.57
C21 CLR C . -18.33 -17.13 16.89
C22 CLR C . -19.43 -17.39 14.65
C23 CLR C . -19.37 -15.93 14.28
C24 CLR C . -20.41 -15.52 13.27
C25 CLR C . -20.25 -14.09 12.71
C26 CLR C . -21.18 -13.85 11.53
C27 CLR C . -20.50 -13.06 13.81
O1 CLR C . -15.68 -27.37 21.23
C1 CLR D . 13.58 -15.85 21.55
C2 CLR D . 13.82 -16.97 22.57
C3 CLR D . 15.27 -17.08 22.97
C4 CLR D . 15.76 -15.75 23.52
C5 CLR D . 15.51 -14.60 22.55
C6 CLR D . 16.49 -13.77 22.22
C7 CLR D . 16.31 -12.55 21.39
C8 CLR D . 14.84 -12.20 21.12
C9 CLR D . 14.03 -13.48 20.82
C10 CLR D . 14.08 -14.46 22.03
C11 CLR D . 12.60 -13.21 20.33
C12 CLR D . 12.54 -12.14 19.23
C13 CLR D . 13.25 -10.84 19.63
C14 CLR D . 14.72 -11.22 19.96
C15 CLR D . 15.49 -9.90 20.00
C16 CLR D . 14.76 -9.02 18.96
C17 CLR D . 13.51 -9.80 18.49
C18 CLR D . 12.54 -10.18 20.82
C19 CLR D . 13.21 -13.97 23.21
C20 CLR D . 12.37 -8.89 17.98
C21 CLR D . 11.13 -9.67 17.55
C22 CLR D . 12.88 -8.04 16.81
C23 CLR D . 11.88 -7.08 16.20
C24 CLR D . 12.50 -6.23 15.11
C25 CLR D . 11.57 -5.21 14.45
C26 CLR D . 10.44 -5.90 13.70
C27 CLR D . 11.02 -4.21 15.46
O1 CLR D . 15.36 -18.08 24.00
C1 CLR E . 17.76 -19.10 13.24
C2 CLR E . 18.19 -20.14 14.30
C3 CLR E . 19.27 -19.59 15.21
C4 CLR E . 18.82 -18.30 15.86
C5 CLR E . 18.37 -17.27 14.85
C6 CLR E . 18.87 -16.05 14.84
C7 CLR E . 18.40 -14.93 13.95
C8 CLR E . 17.08 -15.26 13.24
C9 CLR E . 17.12 -16.72 12.71
C10 CLR E . 17.30 -17.75 13.86
C11 CLR E . 15.94 -17.06 11.78
C12 CLR E . 15.68 -15.99 10.72
C13 CLR E . 15.52 -14.58 11.32
C14 CLR E . 16.82 -14.28 12.10
C15 CLR E . 16.79 -12.77 12.39
C16 CLR E . 16.01 -12.19 11.19
C17 CLR E . 15.50 -13.38 10.33
C18 CLR E . 14.28 -14.53 12.25
C19 CLR E . 15.99 -17.97 14.66
C20 CLR E . 14.22 -13.04 9.55
C21 CLR E . 13.67 -14.17 8.69
C22 CLR E . 14.39 -11.77 8.69
C23 CLR E . 13.11 -11.16 8.18
C24 CLR E . 13.27 -10.33 6.94
C25 CLR E . 13.84 -8.93 7.15
C26 CLR E . 14.06 -8.23 5.82
C27 CLR E . 12.92 -8.10 8.05
O1 CLR E . 19.57 -20.58 16.20
C1 OLA F . -16.47 -23.80 26.07
O1 OLA F . -17.05 -23.44 27.11
O2 OLA F . -15.77 -24.84 26.01
C2 OLA F . -16.66 -22.97 24.82
C3 OLA F . -16.31 -21.50 24.91
C4 OLA F . -16.10 -20.90 23.53
C5 OLA F . -16.13 -19.39 23.46
C6 OLA F . -16.06 -18.86 22.04
C7 OLA F . -16.11 -17.35 21.89
C8 OLA F . -15.97 -16.90 20.47
C9 OLA F . -16.07 -15.41 20.31
C10 OLA F . -17.02 -14.70 20.83
C11 OLA F . -17.49 -13.39 20.30
C12 OLA F . -18.06 -13.48 18.92
C13 OLA F . -18.77 -12.21 18.48
C14 OLA F . -19.44 -12.30 17.14
C8 OLA G . 11.08 2.49 0.19
C9 OLA G . 9.77 1.77 0.16
C10 OLA G . 9.21 1.10 1.14
C11 OLA G . 7.98 0.24 0.98
C12 OLA G . 7.70 -0.62 2.18
C13 OLA G . 6.88 -1.86 1.85
C14 OLA G . 7.00 -2.96 2.88
C15 OLA G . 8.42 -3.44 3.10
C16 OLA G . 8.56 -4.60 4.05
C17 OLA G . 9.90 -5.31 3.97
C18 OLA G . 10.04 -6.53 4.86
C1 OLA H . 21.33 -12.84 23.73
O1 OLA H . 22.51 -13.11 23.48
O2 OLA H . 20.70 -13.30 24.70
C2 OLA H . 20.58 -11.91 22.77
C3 OLA H . 21.31 -10.65 22.45
C4 OLA H . 20.53 -9.74 21.50
C5 OLA H . 19.28 -9.14 22.11
C6 OLA H . 18.62 -8.09 21.24
C3 OLA I . -12.40 -14.39 30.23
C4 OLA I . -13.54 -13.55 29.68
C5 OLA I . -13.20 -12.09 29.54
C6 OLA I . -14.37 -11.21 29.14
C7 OLA I . -14.00 -9.75 28.93
C8 OLA I . -15.17 -8.83 28.81
C9 OLA I . -16.09 -9.18 27.69
C1 OLA J . 1.40 -3.54 33.94
O1 OLA J . 1.87 -4.69 34.05
O2 OLA J . 0.81 -2.95 34.87
C2 OLA J . 1.64 -2.79 32.64
C3 OLA J . 0.44 -2.60 31.76
C4 OLA J . -0.59 -1.63 32.32
C5 OLA J . -1.79 -1.40 31.45
C6 OLA J . -1.49 -0.72 30.14
C1 OLA K . 19.55 -25.10 12.45
O1 OLA K . 20.14 -25.62 11.49
O2 OLA K . 19.55 -25.59 13.61
C2 OLA K . 18.81 -23.80 12.23
C3 OLA K . 18.72 -23.33 10.81
C4 OLA K . 18.08 -21.97 10.71
C5 OLA K . 17.83 -21.50 9.30
C6 OLA K . 17.16 -20.15 9.23
C7 OLA K . 16.90 -19.66 7.82
C8 OLA K . 16.25 -18.31 7.79
C9 OLA K . 16.27 -17.68 6.43
C10 OLA K . 15.82 -16.50 6.15
C11 OLA K . 15.83 -15.87 4.79
C12 OLA K . 15.27 -14.49 4.78
C13 OLA K . 15.30 -13.82 3.41
C14 OLA K . 14.60 -12.48 3.36
C1 OLA L . -17.51 -1.37 -6.06
O1 OLA L . -16.86 -0.73 -6.92
O2 OLA L . -18.61 -1.90 -6.30
C2 OLA L . -16.93 -1.53 -4.68
C3 OLA L . -15.58 -2.17 -4.65
C4 OLA L . -15.32 -2.97 -3.38
C5 OLA L . -15.35 -2.18 -2.10
C6 OLA L . -14.66 -2.84 -0.94
C7 OLA L . -15.40 -4.00 -0.30
C8 OLA L . -14.63 -4.66 0.80
C9 OLA L . -15.43 -5.60 1.65
C10 OLA L . -15.16 -6.86 1.91
C11 OLA L . -15.69 -7.64 3.08
C12 OLA L . -15.27 -9.08 3.07
C13 OLA L . -15.62 -9.85 4.34
C14 OLA L . -15.27 -11.33 4.30
C15 OLA L . -15.30 -12.01 5.65
C16 OLA L . -16.69 -12.21 6.21
C17 OLA L . -16.75 -12.66 7.66
C18 OLA L . -16.08 -13.98 7.92
C1 OLA M . 1.40 -9.41 30.93
O1 OLA M . 1.95 -8.85 31.91
O2 OLA M . 0.68 -10.43 31.03
C2 OLA M . 1.63 -8.83 29.55
C3 OLA M . 0.62 -7.82 29.12
C4 OLA M . 0.77 -7.43 27.66
C5 OLA M . -0.27 -6.45 27.18
C6 OLA M . 0.29 -5.22 26.54
C7 OLA M . 1.05 -4.31 27.50
C8 OLA M . 1.62 -3.07 26.86
C9 OLA M . 0.57 -2.21 26.22
C12 OLA N . 3.28 7.78 19.11
C13 OLA N . 3.00 8.74 17.97
C14 OLA N . 4.20 9.56 17.54
C15 OLA N . 3.95 10.43 16.33
C16 OLA N . 2.75 11.35 16.44
C17 OLA N . 2.67 12.41 15.37
C3 OLA O . -14.86 -30.80 11.03
C4 OLA O . -14.11 -29.58 10.53
C5 OLA O . -14.75 -28.90 9.34
C6 OLA O . -14.03 -27.66 8.88
C7 OLA O . -14.57 -27.04 7.61
C8 OLA O . -13.85 -25.80 7.17
C9 OLA O . -14.63 -24.54 7.44
C10 OLA O . -14.23 -23.32 7.19
C11 OLA O . -15.11 -22.11 7.17
C12 OLA O . -15.01 -21.35 5.89
C13 OLA O . -16.02 -20.22 5.75
C14 OLA O . -15.90 -19.14 6.80
C15 OLA O . -16.98 -18.09 6.73
C16 OLA O . -17.10 -17.39 5.39
C17 OLA O . -18.19 -16.36 5.35
C18 OLA O . -18.38 -15.71 3.99
C1 OLA P . -11.29 -7.95 32.55
O1 OLA P . -11.43 -9.18 32.42
O2 OLA P . -10.55 -7.42 33.40
C2 OLA P . -12.10 -7.03 31.66
C3 OLA P . -12.91 -6.02 32.41
C4 OLA P . -13.48 -4.95 31.52
C5 OLA P . -12.45 -4.11 30.83
C6 OLA P . -13.01 -3.11 29.86
C7 OLA P . -11.95 -2.32 29.10
C8 OLA P . -12.15 -2.30 27.63
C1 OLA Q . -13.59 -20.35 29.04
O1 OLA Q . -12.84 -20.77 29.96
O2 OLA Q . -14.57 -20.96 28.61
C2 OLA Q . -13.25 -19.00 28.42
C3 OLA Q . -14.26 -18.38 27.52
C4 OLA Q . -13.81 -17.01 27.05
C5 OLA Q . -14.88 -16.17 26.38
C6 OLA Q . -14.38 -14.85 25.83
C7 OLA Q . -15.47 -14.01 25.18
C8 OLA Q . -15.01 -13.07 24.12
C9 OLA Q . -14.49 -11.76 24.61
C10 OLA Q . -15.10 -10.59 24.57
C11 OLA Q . -16.57 -10.30 24.72
C12 OLA Q . -17.35 -10.38 23.44
C13 OLA Q . -17.02 -9.32 22.41
C14 OLA Q . -17.97 -9.29 21.23
C15 OLA Q . -17.49 -8.45 20.07
C16 OLA Q . -18.40 -8.50 18.86
C17 OLA Q . -19.54 -7.52 18.86
C18 OLA Q . -19.11 -6.09 18.66
C1 OLA R . 14.50 -14.44 27.88
O1 OLA R . 14.63 -14.68 29.10
O2 OLA R . 14.41 -15.33 27.01
C2 OLA R . 14.43 -12.99 27.43
C3 OLA R . 13.13 -12.63 26.80
C4 OLA R . 12.90 -11.13 26.75
C5 OLA R . 13.59 -10.42 25.62
C6 OLA R . 13.23 -8.96 25.54
C7 OLA R . 13.58 -8.29 24.22
C8 OLA R . 12.80 -7.03 23.96
C9 OLA R . 11.32 -7.24 24.07
C10 OLA R . 10.45 -6.44 24.64
C11 OLA R . 10.66 -5.01 25.01
C12 OLA R . 9.79 -4.09 24.22
C13 OLA R . 10.05 -2.62 24.44
C14 OLA R . 9.23 -1.70 23.56
C1 OLA S . 20.71 -20.25 24.06
O1 OLA S . 21.43 -21.21 23.69
O2 OLA S . 19.78 -20.36 24.89
C2 OLA S . 21.02 -18.87 23.50
C3 OLA S . 20.01 -18.28 22.55
C4 OLA S . 20.37 -16.86 22.13
C5 OLA S . 19.70 -16.37 20.86
C6 OLA S . 20.12 -14.98 20.47
C7 OLA S . 19.61 -14.47 19.13
C8 OLA S . 19.97 -13.05 18.84
C9 OLA S . 19.42 -12.50 17.56
C10 OLA S . 19.03 -11.26 17.37
C11 OLA S . 18.35 -10.77 16.13
C12 OLA S . 16.87 -10.60 16.31
C13 OLA S . 16.11 -10.41 15.02
C14 OLA S . 16.36 -9.10 14.31
C15 OLA S . 15.51 -8.92 13.09
C16 OLA S . 15.61 -7.57 12.42
C17 OLA S . 14.63 -7.41 11.29
C18 OLA S . 14.58 -6.03 10.68
C1 OLA T . -17.03 -6.87 -3.49
C2 OLA T . -16.17 -7.49 -2.39
C3 OLA T . -16.56 -8.88 -2.02
C4 OLA T . -15.76 -9.42 -0.84
C5 OLA T . -16.29 -10.70 -0.25
C6 OLA T . -15.91 -11.95 -1.00
C7 OLA T . -16.29 -13.24 -0.28
C8 OLA T . -15.82 -13.32 1.13
C9 OLA T . -15.38 -14.68 1.58
C10 OLA T . -15.50 -15.83 0.97
C11 OLA T . -14.63 -17.01 1.26
C12 OLA T . -15.36 -18.20 1.84
C13 OLA T . -14.44 -19.37 2.16
C14 OLA T . -13.80 -20.02 0.95
C15 OLA T . -12.54 -20.82 1.23
C16 OLA T . -12.67 -21.86 2.32
C17 OLA T . -11.37 -22.52 2.74
C18 OLA T . -11.55 -23.47 3.91
C1 OLA U . -18.71 2.40 -3.31
O1 OLA U . -18.28 2.77 -4.43
O2 OLA U . -19.91 2.11 -3.10
C2 OLA U . -17.74 2.31 -2.15
C3 OLA U . -18.31 1.79 -0.86
C4 OLA U . -17.34 1.92 0.31
C5 OLA U . -17.92 1.52 1.65
C6 OLA U . -18.29 0.07 1.76
C7 OLA U . -18.10 -0.52 3.16
C8 OLA U . -18.06 -2.02 3.21
C9 OLA U . -17.43 -2.54 4.46
C10 OLA U . -17.96 -3.35 5.34
C11 OLA U . -17.34 -3.73 6.64
C12 OLA U . -17.29 -5.21 6.87
C13 OLA U . -16.81 -5.61 8.27
C1 OLA V . -4.51 -3.61 -9.40
O1 OLA V . -5.38 -2.83 -8.95
O2 OLA V . -4.08 -3.55 -10.57
C2 OLA V . -3.95 -4.68 -8.49
C3 OLA V . -4.19 -6.06 -8.97
C4 OLA V . -3.24 -7.09 -8.34
C5 OLA V . -3.54 -7.43 -6.92
C6 OLA V . -2.57 -8.40 -6.31
C7 OLA V . -2.85 -8.77 -4.86
C1 OLA W . -27.00 6.49 3.62
O1 OLA W . -27.66 7.50 3.94
O2 OLA W . -26.38 6.39 2.53
C2 OLA W . -26.95 5.32 4.59
C3 OLA W . -26.05 4.19 4.21
C4 OLA W . -26.02 3.10 5.26
C8 OLA W . -21.79 1.79 4.29
C9 OLA W . -21.28 2.07 5.66
C10 OLA W . -20.06 1.88 6.07
C11 OLA W . -19.69 1.65 7.51
C12 OLA W . -19.35 0.21 7.78
C13 OLA W . -19.89 -0.30 9.10
C14 OLA W . -19.58 -1.76 9.37
C4 OLA X . -14.85 8.44 15.43
C5 OLA X . -13.67 8.17 16.34
C6 OLA X . -12.45 7.67 15.63
C7 OLA X . -11.48 6.94 16.57
C8 OLA X . -10.23 6.43 15.92
C9 OLA X . -9.36 5.67 16.87
C1 OLA Y . -11.87 -30.98 6.91
O1 OLA Y . -13.01 -31.15 7.39
O2 OLA Y . -10.85 -31.57 7.33
C2 OLA Y . -11.70 -30.01 5.73
C3 OLA Y . -12.97 -29.38 5.24
C4 OLA Y . -13.03 -29.32 3.72
C5 OLA Y . -12.47 -28.05 3.11
C6 OLA Y . -12.24 -28.12 1.62
C7 OLA Y . -11.93 -26.80 0.95
C8 OLA Y . -11.57 -26.90 -0.49
C9 OLA Y . -11.89 -25.68 -1.29
C10 OLA Y . -11.27 -24.51 -1.24
C11 OLA Y . -11.81 -23.24 -1.83
C12 OLA Y . -10.77 -22.19 -2.06
C13 OLA Y . -9.98 -22.38 -3.34
C14 OLA Y . -8.95 -21.32 -3.60
C15 OLA Y . -8.15 -21.53 -4.87
C1 OLA Z . 16.56 -25.26 6.72
O1 OLA Z . 16.93 -25.95 5.75
O2 OLA Z . 16.65 -25.63 7.90
C2 OLA Z . 15.96 -23.88 6.46
C3 OLA Z . 15.91 -23.44 5.02
C4 OLA Z . 15.13 -22.15 4.85
C5 OLA Z . 15.22 -21.57 3.46
C6 OLA Z . 14.46 -20.29 3.28
C7 OLA Z . 14.73 -19.58 1.95
C8 OLA Z . 13.94 -18.32 1.77
N1 A1IR0 AA . 3.17 -18.08 18.05
C1 A1IR0 AA . 2.05 -17.45 17.65
N2 A1IR0 AA . 2.05 -16.88 16.43
C2 A1IR0 AA . 0.93 -16.27 15.98
C3 A1IR0 AA . 0.98 -15.64 14.66
C4 A1IR0 AA . 0.03 -15.12 13.84
C5 A1IR0 AA . 0.70 -14.63 12.69
C6 A1IR0 AA . 2.03 -14.86 12.89
O1 A1IR0 AA . 2.22 -15.50 14.08
N3 A1IR0 AA . -0.21 -16.15 16.69
C7 A1IR0 AA . -0.17 -16.67 17.93
C8 A1IR0 AA . 0.91 -17.34 18.47
C9 A1IR0 AA . 0.56 -17.74 19.81
C10 A1IR0 AA . -0.73 -17.36 20.01
N4 A1IR0 AA . -1.21 -16.74 18.86
C11 A1IR0 AA . -2.57 -16.32 18.69
C12 A1IR0 AA . -3.20 -16.51 17.48
C13 A1IR0 AA . -4.53 -16.18 17.38
N5 A1IR0 AA . -5.27 -15.70 18.39
C14 A1IR0 AA . -4.63 -15.58 19.58
C15 A1IR0 AA . -3.31 -15.91 19.79
#